data_7RZM
#
_entry.id   7RZM
#
_cell.length_a   160.960
_cell.length_b   160.960
_cell.length_c   36.150
_cell.angle_alpha   90.000
_cell.angle_beta   90.000
_cell.angle_gamma   120.000
#
_symmetry.space_group_name_H-M   'P 62'
#
loop_
_entity.id
_entity.type
_entity.pdbx_description
1 polymer 'DNA polymerase III subunit beta'
2 water water
#
_entity_poly.entity_id   1
_entity_poly.type   'polypeptide(L)'
_entity_poly.pdbx_seq_one_letter_code
;MAHHHHHHMRFTLQREAFLKPLAQVVNVVERRQTLPVLANFLVQVQNGQLSLTGTDLEVEMVSRIAVEDAQDGETTIPAR
KLFEIIRALPDGSRITVSQTGDKITVQAGRSRFTLATLPSNDFPSVDEVEATERVAIGEATLKELIERTAFAMAQQDVRY
YLNGLLFDLRGDALRTVATDGHRLALCETDLAKPSGSKRQIIVPRKGVTELQRLLESGDREIELEVGRSHVRVKRDDVTF
TSKLIDGRFPDYEAVIPIGADREVKVDREALRASLQRAAILSNEKYRGIRVEVSPGNLKISAHNPEQEEAQEEIEADTTV
SDLAIGFNVNYLLDALSALRDEEVIIQLRDSNSSALVRESSSEKSRHVVMPLRL
;
_entity_poly.pdbx_strand_id   A
#
# COMPACT_ATOMS: atom_id res chain seq x y z
N HIS A 8 18.63 -20.62 -26.78
CA HIS A 8 18.68 -22.03 -26.37
C HIS A 8 17.94 -22.34 -25.05
N MET A 9 17.34 -21.32 -24.44
CA MET A 9 16.69 -21.52 -23.15
C MET A 9 15.56 -22.53 -23.24
N ARG A 10 15.44 -23.39 -22.23
CA ARG A 10 14.45 -24.47 -22.23
C ARG A 10 14.19 -24.95 -20.81
N PHE A 11 12.92 -25.05 -20.42
CA PHE A 11 12.59 -25.66 -19.13
C PHE A 11 11.17 -26.24 -19.16
N THR A 12 10.93 -27.19 -18.26
CA THR A 12 9.66 -27.90 -18.13
C THR A 12 9.25 -27.85 -16.68
N LEU A 13 7.96 -27.59 -16.43
CA LEU A 13 7.45 -27.61 -15.06
C LEU A 13 5.92 -27.70 -15.08
N GLN A 14 5.36 -27.94 -13.90
CA GLN A 14 3.92 -28.04 -13.73
C GLN A 14 3.28 -26.65 -13.69
N ARG A 15 2.07 -26.56 -14.25
CA ARG A 15 1.34 -25.30 -14.28
C ARG A 15 1.32 -24.59 -12.93
N GLU A 16 0.89 -25.28 -11.88
CA GLU A 16 0.72 -24.61 -10.59
C GLU A 16 2.04 -24.09 -10.05
N ALA A 17 3.14 -24.83 -10.30
CA ALA A 17 4.47 -24.36 -9.90
C ALA A 17 4.88 -23.10 -10.67
N PHE A 18 4.60 -23.07 -11.98
CA PHE A 18 4.91 -21.92 -12.82
C PHE A 18 4.08 -20.70 -12.42
N LEU A 19 2.82 -20.95 -12.04
CA LEU A 19 1.89 -19.88 -11.79
C LEU A 19 2.31 -19.04 -10.58
N LYS A 20 3.00 -19.64 -9.61
CA LYS A 20 3.34 -18.88 -8.39
C LYS A 20 4.27 -17.73 -8.69
N PRO A 21 5.44 -17.90 -9.31
CA PRO A 21 6.26 -16.72 -9.63
C PRO A 21 5.60 -15.80 -10.66
N LEU A 22 4.85 -16.35 -11.62
CA LEU A 22 4.19 -15.49 -12.60
C LEU A 22 3.23 -14.53 -11.91
N ALA A 23 2.38 -15.05 -11.01
CA ALA A 23 1.42 -14.22 -10.30
C ALA A 23 2.13 -13.20 -9.41
N GLN A 24 3.24 -13.61 -8.79
CA GLN A 24 4.00 -12.70 -7.92
C GLN A 24 4.56 -11.51 -8.70
N VAL A 25 5.00 -11.73 -9.93
CA VAL A 25 5.72 -10.70 -10.66
C VAL A 25 4.85 -9.97 -11.69
N VAL A 26 3.71 -10.54 -12.10
CA VAL A 26 3.00 -9.94 -13.22
C VAL A 26 2.41 -8.59 -12.82
N ASN A 27 2.07 -8.44 -11.54
CA ASN A 27 1.29 -7.29 -11.12
C ASN A 27 2.04 -5.97 -11.26
N VAL A 28 3.38 -5.99 -11.31
CA VAL A 28 4.08 -4.73 -11.42
C VAL A 28 4.12 -4.24 -12.86
N VAL A 29 3.93 -5.12 -13.84
CA VAL A 29 4.00 -4.70 -15.24
C VAL A 29 2.86 -3.73 -15.51
N GLU A 30 3.21 -2.56 -16.03
CA GLU A 30 2.19 -1.54 -16.29
C GLU A 30 1.56 -1.81 -17.65
N ARG A 31 0.22 -1.77 -17.70
CA ARG A 31 -0.47 -2.03 -18.95
C ARG A 31 -0.22 -0.94 -19.99
N ARG A 32 0.21 0.24 -19.55
CA ARG A 32 0.49 1.35 -20.47
C ARG A 32 1.67 1.04 -21.38
N GLN A 33 1.59 1.52 -22.62
CA GLN A 33 2.59 1.27 -23.65
C GLN A 33 3.72 2.29 -23.50
N THR A 34 4.71 1.93 -22.69
CA THR A 34 5.89 2.76 -22.49
C THR A 34 7.03 2.29 -23.40
N LEU A 35 8.13 1.84 -22.82
CA LEU A 35 9.14 1.11 -23.57
C LEU A 35 8.58 -0.25 -23.97
N PRO A 36 8.76 -0.68 -25.23
CA PRO A 36 8.27 -2.01 -25.62
C PRO A 36 8.70 -3.13 -24.70
N VAL A 37 9.96 -3.14 -24.24
CA VAL A 37 10.45 -4.27 -23.44
C VAL A 37 9.78 -4.31 -22.07
N LEU A 38 9.30 -3.19 -21.56
CA LEU A 38 8.70 -3.13 -20.23
C LEU A 38 7.39 -3.90 -20.13
N ALA A 39 6.79 -4.27 -21.26
CA ALA A 39 5.63 -5.14 -21.26
C ALA A 39 6.00 -6.61 -21.02
N ASN A 40 7.29 -6.94 -20.97
CA ASN A 40 7.78 -8.30 -20.90
C ASN A 40 8.38 -8.64 -19.54
N PHE A 41 8.37 -9.92 -19.17
CA PHE A 41 9.25 -10.41 -18.11
C PHE A 41 10.67 -10.58 -18.65
N LEU A 42 11.66 -10.27 -17.83
CA LEU A 42 12.97 -10.84 -18.06
C LEU A 42 12.96 -12.26 -17.53
N VAL A 43 13.32 -13.23 -18.37
CA VAL A 43 13.23 -14.64 -18.03
C VAL A 43 14.63 -15.22 -18.15
N GLN A 44 15.12 -15.83 -17.08
CA GLN A 44 16.47 -16.34 -17.06
C GLN A 44 16.50 -17.75 -16.52
N VAL A 45 17.25 -18.61 -17.18
CA VAL A 45 17.50 -19.95 -16.67
C VAL A 45 18.99 -20.07 -16.42
N GLN A 46 19.37 -20.41 -15.19
CA GLN A 46 20.79 -20.62 -14.86
C GLN A 46 20.91 -21.69 -13.79
N ASN A 47 21.62 -22.77 -14.11
CA ASN A 47 21.95 -23.84 -13.17
C ASN A 47 20.72 -24.34 -12.43
N GLY A 48 19.68 -24.70 -13.19
CA GLY A 48 18.47 -25.22 -12.63
C GLY A 48 17.52 -24.22 -12.00
N GLN A 49 17.85 -22.93 -12.01
CA GLN A 49 17.00 -21.90 -11.42
C GLN A 49 16.40 -21.01 -12.49
N LEU A 50 15.07 -20.89 -12.47
CA LEU A 50 14.33 -19.96 -13.31
C LEU A 50 14.08 -18.67 -12.54
N SER A 51 14.45 -17.54 -13.14
CA SER A 51 14.18 -16.23 -12.57
C SER A 51 13.22 -15.48 -13.47
N LEU A 52 12.20 -14.88 -12.87
CA LEU A 52 11.29 -13.99 -13.59
C LEU A 52 11.41 -12.60 -12.97
N THR A 53 11.62 -11.59 -13.81
CA THR A 53 11.72 -10.21 -13.35
C THR A 53 10.74 -9.33 -14.12
N GLY A 54 10.01 -8.49 -13.39
CA GLY A 54 9.18 -7.47 -14.01
C GLY A 54 9.47 -6.12 -13.37
N THR A 55 9.33 -5.07 -14.18
CA THR A 55 9.56 -3.74 -13.65
C THR A 55 8.75 -2.70 -14.42
N ASP A 56 8.49 -1.57 -13.75
CA ASP A 56 7.97 -0.38 -14.41
C ASP A 56 8.94 0.78 -14.26
N LEU A 57 10.22 0.47 -14.01
CA LEU A 57 11.31 1.43 -13.76
C LEU A 57 11.29 1.98 -12.34
N GLU A 58 10.10 2.06 -11.72
CA GLU A 58 10.07 2.52 -10.33
C GLU A 58 10.17 1.36 -9.36
N VAL A 59 9.44 0.27 -9.61
CA VAL A 59 9.44 -0.91 -8.77
C VAL A 59 9.91 -2.10 -9.60
N GLU A 60 10.74 -2.95 -9.00
CA GLU A 60 11.18 -4.18 -9.64
C GLU A 60 10.85 -5.38 -8.75
N MET A 61 10.19 -6.39 -9.33
CA MET A 61 9.86 -7.65 -8.66
C MET A 61 10.60 -8.79 -9.33
N VAL A 62 11.30 -9.59 -8.54
CA VAL A 62 11.98 -10.80 -9.02
C VAL A 62 11.44 -11.98 -8.22
N SER A 63 11.17 -13.09 -8.90
CA SER A 63 10.86 -14.33 -8.22
C SER A 63 11.60 -15.49 -8.90
N ARG A 64 12.21 -16.36 -8.10
CA ARG A 64 13.06 -17.44 -8.61
C ARG A 64 12.58 -18.78 -8.10
N ILE A 65 12.61 -19.81 -8.96
CA ILE A 65 12.26 -21.18 -8.61
C ILE A 65 13.16 -22.18 -9.34
N ALA A 66 13.24 -23.38 -8.78
CA ALA A 66 13.93 -24.49 -9.43
C ALA A 66 13.05 -25.12 -10.50
N VAL A 67 13.66 -25.58 -11.60
CA VAL A 67 12.90 -26.07 -12.74
C VAL A 67 13.40 -27.42 -13.26
N GLU A 68 14.51 -27.92 -12.71
CA GLU A 68 15.12 -29.24 -12.99
C GLU A 68 15.34 -29.58 -14.47
N ASP A 69 16.59 -29.92 -14.82
CA ASP A 69 16.97 -30.29 -16.20
C ASP A 69 16.58 -29.20 -17.19
N ALA A 70 16.77 -27.95 -16.78
CA ALA A 70 16.57 -26.84 -17.68
C ALA A 70 17.84 -26.62 -18.51
N GLN A 71 17.71 -25.82 -19.56
CA GLN A 71 18.87 -25.41 -20.33
C GLN A 71 19.04 -23.90 -20.17
N ASP A 72 20.28 -23.48 -19.89
CA ASP A 72 20.57 -22.09 -19.62
C ASP A 72 20.17 -21.19 -20.80
N GLY A 73 19.85 -19.95 -20.48
CA GLY A 73 19.45 -19.00 -21.50
C GLY A 73 18.74 -17.83 -20.85
N GLU A 74 18.49 -16.82 -21.68
CA GLU A 74 17.96 -15.55 -21.20
C GLU A 74 17.18 -14.89 -22.33
N THR A 75 15.97 -14.43 -22.04
CA THR A 75 15.19 -13.66 -23.01
C THR A 75 14.15 -12.86 -22.26
N THR A 76 13.32 -12.10 -23.00
CA THR A 76 12.16 -11.44 -22.42
C THR A 76 10.90 -11.90 -23.14
N ILE A 77 9.82 -12.06 -22.38
CA ILE A 77 8.60 -12.71 -22.81
C ILE A 77 7.40 -11.85 -22.41
N PRO A 78 6.44 -11.60 -23.32
CA PRO A 78 5.24 -10.82 -22.96
C PRO A 78 4.58 -11.30 -21.68
N ALA A 79 4.48 -10.41 -20.68
CA ALA A 79 4.20 -10.86 -19.32
C ALA A 79 2.75 -11.23 -19.13
N ARG A 80 1.83 -10.32 -19.48
CA ARG A 80 0.40 -10.60 -19.28
CA ARG A 80 0.42 -10.61 -19.26
C ARG A 80 -0.05 -11.78 -20.13
N LYS A 81 0.42 -11.85 -21.38
CA LYS A 81 0.06 -12.98 -22.25
C LYS A 81 0.55 -14.30 -21.66
N LEU A 82 1.83 -14.38 -21.27
CA LEU A 82 2.35 -15.60 -20.66
C LEU A 82 1.54 -15.98 -19.43
N PHE A 83 1.29 -15.01 -18.53
CA PHE A 83 0.53 -15.29 -17.32
C PHE A 83 -0.86 -15.82 -17.65
N GLU A 84 -1.55 -15.17 -18.59
CA GLU A 84 -2.90 -15.62 -18.94
C GLU A 84 -2.88 -17.01 -19.55
N ILE A 85 -1.90 -17.29 -20.41
CA ILE A 85 -1.82 -18.60 -21.06
C ILE A 85 -1.66 -19.70 -20.01
N ILE A 86 -0.71 -19.51 -19.09
CA ILE A 86 -0.42 -20.54 -18.10
C ILE A 86 -1.61 -20.73 -17.17
N ARG A 87 -2.24 -19.63 -16.76
CA ARG A 87 -3.40 -19.71 -15.87
C ARG A 87 -4.57 -20.43 -16.53
N ALA A 88 -4.75 -20.26 -17.84
CA ALA A 88 -5.89 -20.83 -18.53
C ALA A 88 -5.67 -22.27 -18.98
N LEU A 89 -4.43 -22.76 -18.97
CA LEU A 89 -4.19 -24.15 -19.32
C LEU A 89 -4.83 -25.07 -18.28
N PRO A 90 -5.16 -26.31 -18.65
CA PRO A 90 -5.80 -27.22 -17.68
C PRO A 90 -4.95 -27.41 -16.43
N ASP A 91 -5.64 -27.53 -15.30
CA ASP A 91 -4.99 -27.85 -14.03
C ASP A 91 -4.07 -29.05 -14.19
N GLY A 92 -2.88 -28.96 -13.58
CA GLY A 92 -1.95 -30.07 -13.65
C GLY A 92 -1.18 -30.20 -14.95
N SER A 93 -1.31 -29.23 -15.86
CA SER A 93 -0.60 -29.27 -17.13
C SER A 93 0.91 -29.31 -16.91
N ARG A 94 1.58 -30.15 -17.68
CA ARG A 94 3.04 -30.18 -17.75
C ARG A 94 3.47 -29.29 -18.90
N ILE A 95 4.21 -28.24 -18.60
CA ILE A 95 4.44 -27.14 -19.53
C ILE A 95 5.92 -27.10 -19.91
N THR A 96 6.18 -27.05 -21.21
CA THR A 96 7.55 -26.89 -21.72
C THR A 96 7.66 -25.54 -22.42
N VAL A 97 8.68 -24.77 -22.03
CA VAL A 97 8.99 -23.46 -22.61
C VAL A 97 10.35 -23.56 -23.28
N SER A 98 10.45 -23.00 -24.49
CA SER A 98 11.68 -23.10 -25.26
C SER A 98 11.73 -21.93 -26.24
N GLN A 99 12.94 -21.66 -26.74
CA GLN A 99 13.20 -20.58 -27.70
C GLN A 99 13.28 -21.14 -29.10
N THR A 100 12.57 -20.50 -30.02
CA THR A 100 12.51 -20.89 -31.44
C THR A 100 12.80 -19.62 -32.23
N GLY A 101 14.06 -19.45 -32.65
CA GLY A 101 14.44 -18.21 -33.30
C GLY A 101 14.25 -17.05 -32.34
N ASP A 102 13.64 -15.97 -32.82
CA ASP A 102 13.29 -14.82 -31.99
C ASP A 102 11.91 -14.98 -31.33
N LYS A 103 11.37 -16.19 -31.28
CA LYS A 103 10.11 -16.50 -30.63
C LYS A 103 10.34 -17.36 -29.40
N ILE A 104 9.37 -17.33 -28.50
CA ILE A 104 9.26 -18.28 -27.40
C ILE A 104 8.10 -19.23 -27.73
N THR A 105 8.29 -20.52 -27.47
CA THR A 105 7.26 -21.54 -27.64
C THR A 105 6.84 -22.09 -26.27
N VAL A 106 5.53 -22.23 -26.07
CA VAL A 106 4.95 -22.81 -24.86
C VAL A 106 4.13 -24.02 -25.30
N GLN A 107 4.47 -25.20 -24.79
CA GLN A 107 3.80 -26.43 -25.16
C GLN A 107 3.22 -27.09 -23.93
N ALA A 108 1.99 -27.59 -24.06
CA ALA A 108 1.33 -28.29 -22.97
C ALA A 108 0.26 -29.19 -23.60
N GLY A 109 0.44 -30.50 -23.49
CA GLY A 109 -0.49 -31.43 -24.12
C GLY A 109 -0.54 -31.20 -25.61
N ARG A 110 -1.76 -31.02 -26.13
CA ARG A 110 -1.94 -30.68 -27.54
C ARG A 110 -1.75 -29.20 -27.82
N SER A 111 -1.64 -28.37 -26.80
CA SER A 111 -1.61 -26.93 -27.01
C SER A 111 -0.21 -26.44 -27.34
N ARG A 112 -0.14 -25.39 -28.16
CA ARG A 112 1.13 -24.77 -28.49
C ARG A 112 0.89 -23.27 -28.69
N PHE A 113 1.71 -22.46 -28.04
CA PHE A 113 1.66 -21.01 -28.15
C PHE A 113 3.02 -20.48 -28.54
N THR A 114 3.04 -19.50 -29.44
CA THR A 114 4.26 -18.81 -29.85
C THR A 114 4.12 -17.35 -29.49
N LEU A 115 5.12 -16.80 -28.80
CA LEU A 115 5.14 -15.40 -28.39
C LEU A 115 6.38 -14.70 -28.95
N ALA A 116 6.24 -13.42 -29.32
CA ALA A 116 7.37 -12.63 -29.77
C ALA A 116 8.24 -12.24 -28.57
N THR A 117 9.56 -12.22 -28.76
CA THR A 117 10.47 -11.80 -27.70
C THR A 117 11.17 -10.50 -28.07
N LEU A 118 11.76 -9.88 -27.06
CA LEU A 118 12.69 -8.77 -27.25
C LEU A 118 13.98 -9.12 -26.54
N PRO A 119 15.12 -8.63 -27.03
CA PRO A 119 16.40 -9.07 -26.46
C PRO A 119 16.53 -8.68 -25.00
N SER A 120 17.11 -9.60 -24.23
CA SER A 120 17.31 -9.38 -22.80
C SER A 120 18.19 -8.17 -22.51
N ASN A 121 19.05 -7.77 -23.47
CA ASN A 121 19.87 -6.57 -23.31
C ASN A 121 19.05 -5.29 -23.31
N ASP A 122 17.84 -5.32 -23.86
CA ASP A 122 16.94 -4.16 -23.81
C ASP A 122 16.34 -3.96 -22.42
N PHE A 123 16.47 -4.92 -21.53
CA PHE A 123 15.76 -4.87 -20.26
C PHE A 123 16.52 -4.05 -19.24
N PRO A 124 15.90 -3.07 -18.60
CA PRO A 124 16.63 -2.21 -17.67
C PRO A 124 17.05 -2.94 -16.40
N SER A 125 18.27 -2.68 -15.95
CA SER A 125 18.82 -3.27 -14.74
C SER A 125 18.73 -2.27 -13.59
N VAL A 126 18.47 -2.79 -12.38
CA VAL A 126 18.50 -1.94 -11.19
C VAL A 126 19.93 -1.75 -10.73
N ASP A 127 20.28 -0.51 -10.40
CA ASP A 127 21.56 -0.25 -9.75
C ASP A 127 21.57 -0.92 -8.39
N GLU A 128 22.61 -1.72 -8.14
CA GLU A 128 22.68 -2.54 -6.93
C GLU A 128 22.48 -1.70 -5.68
N VAL A 129 21.45 -2.05 -4.90
CA VAL A 129 21.13 -1.33 -3.67
C VAL A 129 22.24 -1.58 -2.66
N GLU A 130 23.09 -0.59 -2.43
CA GLU A 130 24.09 -0.66 -1.37
C GLU A 130 23.42 -0.14 -0.10
N ALA A 131 22.84 -1.05 0.66
CA ALA A 131 22.07 -0.68 1.84
C ALA A 131 22.92 0.06 2.85
N THR A 132 22.47 1.24 3.24
CA THR A 132 23.07 2.00 4.32
C THR A 132 22.32 1.84 5.63
N GLU A 133 21.23 1.08 5.63
CA GLU A 133 20.41 0.85 6.82
C GLU A 133 19.66 -0.47 6.63
N ARG A 134 19.67 -1.32 7.65
CA ARG A 134 18.88 -2.54 7.68
C ARG A 134 17.93 -2.49 8.86
N VAL A 135 16.63 -2.53 8.58
CA VAL A 135 15.59 -2.45 9.60
C VAL A 135 14.94 -3.82 9.71
N ALA A 136 15.19 -4.52 10.81
CA ALA A 136 14.49 -5.75 11.13
C ALA A 136 13.12 -5.41 11.71
N ILE A 137 12.07 -5.89 11.08
CA ILE A 137 10.70 -5.64 11.51
C ILE A 137 9.86 -6.86 11.23
N GLY A 138 8.92 -7.15 12.14
CA GLY A 138 7.96 -8.21 11.92
C GLY A 138 7.16 -7.96 10.66
N GLU A 139 7.01 -9.01 9.85
CA GLU A 139 6.25 -8.90 8.60
C GLU A 139 4.80 -8.47 8.87
N ALA A 140 4.17 -9.08 9.88
CA ALA A 140 2.79 -8.73 10.20
C ALA A 140 2.69 -7.29 10.70
N THR A 141 3.68 -6.86 11.49
CA THR A 141 3.67 -5.49 12.02
C THR A 141 3.76 -4.48 10.90
N LEU A 142 4.75 -4.64 10.01
CA LEU A 142 4.87 -3.77 8.85
C LEU A 142 3.60 -3.78 8.01
N LYS A 143 2.99 -4.95 7.86
CA LYS A 143 1.73 -5.05 7.11
C LYS A 143 0.65 -4.17 7.74
N GLU A 144 0.57 -4.19 9.07
CA GLU A 144 -0.45 -3.40 9.75
C GLU A 144 -0.17 -1.90 9.65
N LEU A 145 1.10 -1.50 9.81
CA LEU A 145 1.47 -0.10 9.69
C LEU A 145 1.00 0.47 8.36
N ILE A 146 1.12 -0.32 7.30
CA ILE A 146 0.76 0.16 5.98
C ILE A 146 -0.76 0.21 5.82
N GLU A 147 -1.44 -0.89 6.20
CA GLU A 147 -2.89 -0.92 6.14
C GLU A 147 -3.52 0.25 6.87
N ARG A 148 -2.96 0.63 8.01
CA ARG A 148 -3.55 1.67 8.84
C ARG A 148 -3.30 3.06 8.28
N THR A 149 -2.55 3.21 7.18
CA THR A 149 -2.16 4.55 6.72
C THR A 149 -2.27 4.76 5.22
N ALA A 150 -2.13 3.71 4.38
CA ALA A 150 -1.92 3.91 2.95
C ALA A 150 -3.09 4.64 2.28
N PHE A 151 -4.31 4.46 2.80
CA PHE A 151 -5.48 5.08 2.19
C PHE A 151 -5.36 6.59 2.10
N ALA A 152 -4.54 7.21 2.94
CA ALA A 152 -4.46 8.66 3.01
C ALA A 152 -3.37 9.25 2.11
N MET A 153 -2.66 8.43 1.33
CA MET A 153 -1.66 8.96 0.41
C MET A 153 -2.31 9.79 -0.68
N ALA A 154 -1.60 10.82 -1.12
CA ALA A 154 -2.12 11.62 -2.22
C ALA A 154 -2.16 10.76 -3.49
N GLN A 155 -2.99 11.19 -4.44
CA GLN A 155 -3.24 10.45 -5.67
CA GLN A 155 -3.23 10.44 -5.68
C GLN A 155 -2.81 11.32 -6.86
N GLN A 156 -1.64 11.03 -7.42
CA GLN A 156 -1.11 11.74 -8.59
C GLN A 156 -1.12 13.26 -8.38
N ASP A 157 -0.88 13.68 -7.13
CA ASP A 157 -0.75 15.10 -6.80
C ASP A 157 0.50 15.68 -7.45
N VAL A 158 0.42 16.95 -7.87
CA VAL A 158 1.62 17.61 -8.42
C VAL A 158 2.70 17.75 -7.38
N ARG A 159 2.34 17.77 -6.10
CA ARG A 159 3.30 17.68 -5.00
C ARG A 159 3.73 16.22 -4.91
N TYR A 160 4.74 15.87 -5.69
CA TYR A 160 5.09 14.47 -5.92
C TYR A 160 5.46 13.77 -4.62
N TYR A 161 6.01 14.49 -3.65
CA TYR A 161 6.43 13.87 -2.40
C TYR A 161 5.26 13.36 -1.57
N LEU A 162 4.01 13.73 -1.88
CA LEU A 162 2.87 13.18 -1.16
C LEU A 162 2.34 11.89 -1.78
N ASN A 163 2.79 11.53 -2.98
CA ASN A 163 2.26 10.36 -3.69
C ASN A 163 2.93 9.08 -3.19
N GLY A 164 2.98 8.89 -1.88
CA GLY A 164 3.66 7.74 -1.32
C GLY A 164 3.54 7.79 0.19
N LEU A 165 4.20 6.83 0.83
CA LEU A 165 4.11 6.64 2.27
C LEU A 165 5.45 6.99 2.91
N LEU A 166 5.42 7.86 3.92
CA LEU A 166 6.63 8.16 4.67
C LEU A 166 6.94 7.03 5.64
N PHE A 167 8.16 6.52 5.59
CA PHE A 167 8.70 5.61 6.59
C PHE A 167 9.65 6.45 7.42
N ASP A 168 9.23 6.81 8.62
CA ASP A 168 10.01 7.65 9.52
C ASP A 168 10.69 6.72 10.51
N LEU A 169 12.00 6.51 10.32
CA LEU A 169 12.79 5.68 11.23
C LEU A 169 13.23 6.53 12.41
N ARG A 170 12.73 6.22 13.60
CA ARG A 170 12.94 7.03 14.80
C ARG A 170 13.74 6.28 15.86
N GLY A 171 14.80 5.60 15.44
CA GLY A 171 15.65 4.87 16.38
C GLY A 171 15.03 3.58 16.88
N ASP A 172 14.42 3.63 18.06
CA ASP A 172 13.71 2.50 18.64
C ASP A 172 12.36 2.22 17.99
N ALA A 173 11.88 3.11 17.12
CA ALA A 173 10.54 2.99 16.57
C ALA A 173 10.56 3.24 15.08
N LEU A 174 9.51 2.75 14.42
CA LEU A 174 9.22 3.05 13.03
C LEU A 174 7.80 3.60 12.94
N ARG A 175 7.62 4.64 12.14
CA ARG A 175 6.35 5.30 11.94
C ARG A 175 6.07 5.35 10.45
N THR A 176 4.86 4.97 10.04
CA THR A 176 4.38 5.26 8.70
C THR A 176 3.45 6.45 8.78
N VAL A 177 3.53 7.33 7.79
CA VAL A 177 2.79 8.58 7.75
C VAL A 177 2.34 8.81 6.32
N ALA A 178 1.04 9.04 6.13
CA ALA A 178 0.50 9.42 4.84
C ALA A 178 -0.34 10.67 4.99
N THR A 179 -0.19 11.57 4.04
CA THR A 179 -1.06 12.73 3.96
C THR A 179 -1.24 13.11 2.50
N ASP A 180 -2.41 13.68 2.21
CA ASP A 180 -2.72 14.21 0.90
C ASP A 180 -2.91 15.72 0.95
N GLY A 181 -2.56 16.34 2.05
CA GLY A 181 -2.76 17.75 2.25
C GLY A 181 -4.05 18.11 2.97
N HIS A 182 -5.01 17.20 3.04
CA HIS A 182 -6.31 17.47 3.65
C HIS A 182 -6.57 16.66 4.92
N ARG A 183 -6.02 15.47 5.03
CA ARG A 183 -6.07 14.70 6.26
C ARG A 183 -4.74 13.96 6.38
N LEU A 184 -4.51 13.39 7.56
CA LEU A 184 -3.26 12.71 7.84
C LEU A 184 -3.56 11.45 8.63
N ALA A 185 -2.85 10.38 8.29
CA ALA A 185 -2.90 9.14 9.06
C ALA A 185 -1.47 8.78 9.44
N LEU A 186 -1.30 8.26 10.65
CA LEU A 186 0.02 7.81 11.05
C LEU A 186 -0.14 6.62 11.99
N CYS A 187 0.85 5.73 11.95
CA CYS A 187 0.89 4.58 12.83
C CYS A 187 2.34 4.35 13.23
N GLU A 188 2.53 3.85 14.44
CA GLU A 188 3.86 3.68 15.00
C GLU A 188 3.99 2.32 15.68
N THR A 189 5.20 1.76 15.64
CA THR A 189 5.52 0.53 16.35
C THR A 189 6.93 0.63 16.90
N ASP A 190 7.15 0.00 18.05
CA ASP A 190 8.51 -0.17 18.55
C ASP A 190 9.17 -1.34 17.83
N LEU A 191 10.46 -1.20 17.52
CA LEU A 191 11.20 -2.25 16.83
C LEU A 191 11.96 -3.10 17.85
N ALA A 192 11.98 -4.41 17.61
CA ALA A 192 12.68 -5.33 18.50
C ALA A 192 14.19 -5.06 18.47
N LYS A 193 14.85 -5.45 17.39
CA LYS A 193 16.23 -5.05 17.20
C LYS A 193 16.25 -3.56 16.89
N PRO A 194 16.73 -2.70 17.79
CA PRO A 194 16.68 -1.26 17.53
C PRO A 194 17.60 -0.91 16.37
N SER A 195 17.10 -0.05 15.47
CA SER A 195 17.90 0.29 14.30
C SER A 195 19.06 1.21 14.67
N GLY A 196 18.84 2.11 15.64
CA GLY A 196 19.81 3.13 15.96
C GLY A 196 19.76 4.30 15.00
N SER A 197 19.54 3.99 13.72
CA SER A 197 19.50 4.99 12.66
C SER A 197 18.22 5.81 12.70
N LYS A 198 18.35 7.10 12.40
CA LYS A 198 17.22 7.99 12.19
C LYS A 198 17.25 8.46 10.75
N ARG A 199 16.16 8.22 10.02
CA ARG A 199 16.11 8.52 8.59
C ARG A 199 14.66 8.51 8.13
N GLN A 200 14.31 9.45 7.25
CA GLN A 200 13.00 9.52 6.61
C GLN A 200 13.13 9.12 5.14
N ILE A 201 12.29 8.18 4.71
CA ILE A 201 12.24 7.79 3.30
C ILE A 201 10.78 7.77 2.87
N ILE A 202 10.55 8.13 1.62
CA ILE A 202 9.23 8.10 1.03
C ILE A 202 9.20 6.98 -0.01
N VAL A 203 8.33 6.00 0.21
CA VAL A 203 8.15 4.88 -0.71
C VAL A 203 6.97 5.23 -1.62
N PRO A 204 7.15 5.31 -2.93
CA PRO A 204 6.06 5.72 -3.81
C PRO A 204 4.90 4.74 -3.76
N ARG A 205 3.72 5.25 -4.14
CA ARG A 205 2.48 4.47 -4.06
C ARG A 205 2.65 3.05 -4.63
N LYS A 206 3.22 2.93 -5.83
CA LYS A 206 3.33 1.60 -6.44
C LYS A 206 4.25 0.69 -5.63
N GLY A 207 5.30 1.25 -5.03
CA GLY A 207 6.14 0.44 -4.16
C GLY A 207 5.39 -0.01 -2.91
N VAL A 208 4.54 0.85 -2.36
CA VAL A 208 3.78 0.48 -1.17
C VAL A 208 2.87 -0.70 -1.47
N THR A 209 2.09 -0.60 -2.55
CA THR A 209 1.13 -1.66 -2.86
C THR A 209 1.83 -2.96 -3.22
N GLU A 210 2.96 -2.89 -3.92
CA GLU A 210 3.67 -4.13 -4.24
C GLU A 210 4.29 -4.74 -2.98
N LEU A 211 4.79 -3.91 -2.07
CA LEU A 211 5.29 -4.45 -0.81
C LEU A 211 4.18 -5.10 -0.01
N GLN A 212 2.99 -4.47 -0.01
CA GLN A 212 1.84 -5.01 0.70
CA GLN A 212 1.88 -5.03 0.74
C GLN A 212 1.49 -6.40 0.22
N ARG A 213 1.54 -6.61 -1.11
CA ARG A 213 1.21 -7.92 -1.67
C ARG A 213 2.16 -8.98 -1.18
N LEU A 214 3.41 -8.60 -0.90
CA LEU A 214 4.44 -9.58 -0.56
C LEU A 214 4.36 -10.00 0.90
N LEU A 215 3.97 -9.08 1.79
CA LEU A 215 3.96 -9.36 3.22
C LEU A 215 2.76 -10.20 3.59
N GLU A 216 2.96 -11.09 4.55
CA GLU A 216 1.94 -12.01 5.00
C GLU A 216 1.68 -11.84 6.48
N SER A 217 0.61 -12.48 6.93
CA SER A 217 0.36 -12.65 8.35
C SER A 217 1.34 -13.66 8.94
N GLY A 218 1.43 -13.67 10.26
CA GLY A 218 2.28 -14.64 10.93
C GLY A 218 3.48 -13.99 11.58
N ASP A 219 4.36 -14.85 12.10
CA ASP A 219 5.40 -14.44 13.02
C ASP A 219 6.76 -14.20 12.35
N ARG A 220 6.79 -14.00 11.03
CA ARG A 220 8.07 -13.88 10.33
C ARG A 220 8.65 -12.48 10.44
N GLU A 221 9.95 -12.41 10.60
CA GLU A 221 10.69 -11.17 10.55
C GLU A 221 11.22 -10.97 9.14
N ILE A 222 11.15 -9.74 8.65
CA ILE A 222 11.84 -9.42 7.41
C ILE A 222 12.79 -8.26 7.65
N GLU A 223 13.58 -7.93 6.63
CA GLU A 223 14.59 -6.89 6.73
C GLU A 223 14.31 -5.87 5.62
N LEU A 224 14.12 -4.61 6.01
CA LEU A 224 14.08 -3.50 5.07
C LEU A 224 15.51 -3.05 4.80
N GLU A 225 15.98 -3.23 3.58
CA GLU A 225 17.30 -2.75 3.20
C GLU A 225 17.13 -1.39 2.53
N VAL A 226 17.67 -0.36 3.14
CA VAL A 226 17.45 1.02 2.73
C VAL A 226 18.76 1.58 2.22
N GLY A 227 18.80 1.93 0.94
CA GLY A 227 19.94 2.61 0.35
C GLY A 227 19.70 4.11 0.22
N ARG A 228 20.60 4.77 -0.52
CA ARG A 228 20.44 6.20 -0.75
C ARG A 228 19.14 6.48 -1.51
N SER A 229 18.80 5.61 -2.47
CA SER A 229 17.74 5.90 -3.42
C SER A 229 16.75 4.78 -3.60
N HIS A 230 16.89 3.68 -2.86
CA HIS A 230 16.08 2.49 -3.05
C HIS A 230 15.83 1.83 -1.71
N VAL A 231 14.68 1.16 -1.62
CA VAL A 231 14.43 0.20 -0.55
C VAL A 231 14.26 -1.17 -1.19
N ARG A 232 14.67 -2.22 -0.45
CA ARG A 232 14.61 -3.58 -0.94
C ARG A 232 14.20 -4.53 0.17
N VAL A 233 13.33 -5.49 -0.16
CA VAL A 233 12.95 -6.58 0.74
C VAL A 233 13.17 -7.91 0.01
N LYS A 234 13.99 -8.79 0.60
CA LYS A 234 14.14 -10.16 0.14
C LYS A 234 13.34 -11.08 1.05
N ARG A 235 12.41 -11.84 0.47
CA ARG A 235 11.57 -12.76 1.22
C ARG A 235 11.60 -14.11 0.50
N ASP A 236 12.33 -15.06 1.07
CA ASP A 236 12.66 -16.33 0.41
C ASP A 236 13.25 -15.98 -0.95
N ASP A 237 12.72 -16.50 -2.06
CA ASP A 237 13.30 -16.24 -3.36
C ASP A 237 12.55 -15.18 -4.15
N VAL A 238 11.83 -14.30 -3.47
CA VAL A 238 11.21 -13.13 -4.07
C VAL A 238 11.98 -11.91 -3.60
N THR A 239 12.28 -10.99 -4.53
CA THR A 239 12.97 -9.76 -4.20
C THR A 239 12.12 -8.58 -4.67
N PHE A 240 11.75 -7.70 -3.74
CA PHE A 240 11.09 -6.43 -4.01
C PHE A 240 12.12 -5.31 -3.92
N THR A 241 12.19 -4.48 -4.95
CA THR A 241 13.02 -3.29 -4.97
C THR A 241 12.18 -2.12 -5.47
N SER A 242 12.21 -1.00 -4.75
CA SER A 242 11.52 0.22 -5.17
C SER A 242 12.44 1.41 -5.03
N LYS A 243 12.48 2.27 -6.07
CA LYS A 243 13.03 3.61 -5.92
C LYS A 243 12.31 4.36 -4.81
N LEU A 244 13.00 5.31 -4.20
CA LEU A 244 12.38 6.21 -3.23
C LEU A 244 12.02 7.52 -3.92
N ILE A 245 10.98 8.19 -3.41
CA ILE A 245 10.70 9.53 -3.92
C ILE A 245 11.77 10.49 -3.42
N ASP A 246 12.43 11.18 -4.36
CA ASP A 246 13.53 12.08 -4.05
C ASP A 246 12.93 13.46 -3.76
N GLY A 247 12.37 13.58 -2.57
CA GLY A 247 11.84 14.85 -2.11
C GLY A 247 11.79 14.84 -0.60
N ARG A 248 11.29 15.94 -0.05
CA ARG A 248 11.19 16.13 1.39
C ARG A 248 9.72 16.09 1.80
N PHE A 249 9.38 15.17 2.70
CA PHE A 249 8.03 15.12 3.23
C PHE A 249 7.77 16.36 4.10
N PRO A 250 6.53 16.83 4.17
CA PRO A 250 6.24 18.02 4.98
C PRO A 250 6.46 17.76 6.47
N ASP A 251 6.58 18.87 7.23
CA ASP A 251 6.66 18.81 8.70
C ASP A 251 5.32 18.33 9.24
N TYR A 252 5.02 17.04 9.06
CA TYR A 252 3.67 16.57 9.29
C TYR A 252 3.25 16.73 10.75
N GLU A 253 4.22 16.70 11.68
CA GLU A 253 3.88 16.87 13.08
C GLU A 253 3.20 18.20 13.36
N ALA A 254 3.44 19.21 12.53
CA ALA A 254 2.85 20.53 12.74
C ALA A 254 1.33 20.49 12.79
N VAL A 255 0.70 19.53 12.08
CA VAL A 255 -0.76 19.50 12.01
C VAL A 255 -1.37 18.59 13.06
N ILE A 256 -0.55 17.91 13.87
CA ILE A 256 -1.08 17.10 14.96
C ILE A 256 -1.48 18.03 16.10
N PRO A 257 -2.75 18.02 16.54
CA PRO A 257 -3.17 18.97 17.57
C PRO A 257 -2.46 18.72 18.89
N ILE A 258 -2.16 19.81 19.57
CA ILE A 258 -1.72 19.79 20.95
C ILE A 258 -2.74 20.55 21.78
N GLY A 259 -3.09 20.00 22.95
CA GLY A 259 -4.11 20.59 23.76
C GLY A 259 -5.51 20.19 23.39
N ALA A 260 -5.68 19.19 22.53
CA ALA A 260 -6.98 18.62 22.20
C ALA A 260 -7.34 17.60 23.27
N ASP A 261 -7.80 18.10 24.42
CA ASP A 261 -8.04 17.25 25.59
C ASP A 261 -9.54 17.12 25.91
N ARG A 262 -10.41 17.47 24.97
CA ARG A 262 -11.84 17.25 25.10
C ARG A 262 -12.16 15.94 24.40
N GLU A 263 -12.42 14.89 25.17
CA GLU A 263 -12.47 13.54 24.62
C GLU A 263 -13.89 13.06 24.42
N VAL A 264 -14.10 12.38 23.29
CA VAL A 264 -15.32 11.65 22.99
C VAL A 264 -14.95 10.20 22.73
N LYS A 265 -15.48 9.29 23.53
CA LYS A 265 -15.28 7.87 23.34
C LYS A 265 -16.59 7.29 22.80
N VAL A 266 -16.51 6.65 21.64
CA VAL A 266 -17.72 6.28 20.91
C VAL A 266 -17.50 4.95 20.19
N ASP A 267 -18.58 4.19 20.06
CA ASP A 267 -18.58 2.93 19.29
C ASP A 267 -18.20 3.21 17.84
N ARG A 268 -17.15 2.54 17.37
CA ARG A 268 -16.58 2.86 16.07
C ARG A 268 -17.56 2.57 14.93
N GLU A 269 -18.20 1.40 14.97
CA GLU A 269 -19.07 0.98 13.87
C GLU A 269 -20.40 1.71 13.89
N ALA A 270 -20.94 1.96 15.08
CA ALA A 270 -22.16 2.76 15.18
C ALA A 270 -21.92 4.17 14.67
N LEU A 271 -20.74 4.72 14.92
CA LEU A 271 -20.47 6.07 14.41
C LEU A 271 -20.35 6.06 12.89
N ARG A 272 -19.66 5.06 12.33
CA ARG A 272 -19.59 4.92 10.88
C ARG A 272 -21.00 4.85 10.27
N ALA A 273 -21.89 4.06 10.88
CA ALA A 273 -23.23 3.89 10.33
C ALA A 273 -24.03 5.19 10.36
N SER A 274 -23.94 5.95 11.45
CA SER A 274 -24.64 7.23 11.52
C SER A 274 -24.10 8.22 10.50
N LEU A 275 -22.78 8.30 10.38
CA LEU A 275 -22.16 9.20 9.42
C LEU A 275 -22.57 8.85 7.99
N GLN A 276 -22.61 7.56 7.67
CA GLN A 276 -23.02 7.15 6.33
C GLN A 276 -24.47 7.53 6.05
N ARG A 277 -25.35 7.38 7.06
CA ARG A 277 -26.74 7.79 6.88
C ARG A 277 -26.85 9.31 6.68
N ALA A 278 -26.16 10.09 7.49
CA ALA A 278 -26.22 11.54 7.32
C ALA A 278 -25.62 11.97 5.99
N ALA A 279 -24.60 11.25 5.51
CA ALA A 279 -23.92 11.64 4.27
C ALA A 279 -24.85 11.59 3.07
N ILE A 280 -25.93 10.81 3.13
CA ILE A 280 -26.86 10.71 2.00
C ILE A 280 -27.40 12.09 1.63
N LEU A 281 -27.56 12.97 2.62
CA LEU A 281 -28.13 14.28 2.38
C LEU A 281 -27.09 15.39 2.47
N SER A 282 -25.81 15.03 2.48
CA SER A 282 -24.76 16.04 2.48
C SER A 282 -24.52 16.56 1.06
N ASN A 283 -23.90 17.74 0.99
CA ASN A 283 -23.48 18.33 -0.27
C ASN A 283 -22.59 17.36 -1.04
N GLU A 284 -22.93 17.09 -2.31
CA GLU A 284 -22.19 16.11 -3.09
C GLU A 284 -20.76 16.55 -3.38
N LYS A 285 -20.52 17.85 -3.49
CA LYS A 285 -19.18 18.35 -3.73
C LYS A 285 -18.36 18.40 -2.46
N TYR A 286 -18.91 18.99 -1.39
CA TYR A 286 -18.13 19.30 -0.20
C TYR A 286 -18.29 18.29 0.92
N ARG A 287 -19.41 17.53 0.94
CA ARG A 287 -19.57 16.39 1.84
C ARG A 287 -19.45 16.78 3.31
N GLY A 288 -19.79 18.02 3.66
CA GLY A 288 -19.65 18.46 5.05
C GLY A 288 -20.75 17.87 5.93
N ILE A 289 -20.37 17.34 7.09
CA ILE A 289 -21.30 16.97 8.14
C ILE A 289 -20.93 17.74 9.40
N ARG A 290 -21.89 17.84 10.32
CA ARG A 290 -21.75 18.58 11.57
C ARG A 290 -21.87 17.63 12.74
N VAL A 291 -20.95 17.74 13.71
CA VAL A 291 -21.02 16.93 14.93
C VAL A 291 -21.16 17.87 16.10
N GLU A 292 -22.30 17.82 16.77
CA GLU A 292 -22.56 18.62 17.96
C GLU A 292 -22.43 17.71 19.18
N VAL A 293 -21.53 18.08 20.09
CA VAL A 293 -21.20 17.25 21.25
C VAL A 293 -21.90 17.82 22.47
N SER A 294 -22.51 16.94 23.26
CA SER A 294 -23.07 17.27 24.55
C SER A 294 -22.83 16.06 25.46
N PRO A 295 -22.93 16.22 26.78
CA PRO A 295 -22.61 15.09 27.67
C PRO A 295 -23.45 13.86 27.32
N GLY A 296 -22.76 12.77 27.01
CA GLY A 296 -23.39 11.51 26.71
C GLY A 296 -23.92 11.34 25.30
N ASN A 297 -23.70 12.30 24.39
CA ASN A 297 -24.51 12.30 23.19
C ASN A 297 -23.81 13.02 22.04
N LEU A 298 -23.95 12.49 20.81
CA LEU A 298 -23.57 13.19 19.58
C LEU A 298 -24.80 13.43 18.72
N LYS A 299 -24.97 14.66 18.26
CA LYS A 299 -25.94 14.98 17.22
C LYS A 299 -25.17 15.17 15.91
N ILE A 300 -25.48 14.33 14.94
CA ILE A 300 -24.82 14.35 13.64
C ILE A 300 -25.84 14.82 12.61
N SER A 301 -25.47 15.81 11.80
CA SER A 301 -26.40 16.33 10.82
C SER A 301 -25.68 16.71 9.54
N ALA A 302 -26.44 16.74 8.45
CA ALA A 302 -25.94 17.15 7.15
C ALA A 302 -27.08 17.79 6.38
N HIS A 303 -26.75 18.73 5.50
CA HIS A 303 -27.75 19.29 4.60
C HIS A 303 -27.10 19.60 3.27
N ASN A 304 -27.93 19.80 2.25
CA ASN A 304 -27.40 20.00 0.91
C ASN A 304 -28.00 21.27 0.29
N PRO A 305 -27.59 21.67 -0.92
CA PRO A 305 -28.13 22.91 -1.51
C PRO A 305 -29.65 22.94 -1.67
N GLU A 306 -30.31 21.78 -1.69
CA GLU A 306 -31.75 21.72 -1.87
C GLU A 306 -32.51 21.82 -0.55
N GLN A 307 -31.80 22.09 0.55
CA GLN A 307 -32.35 22.21 1.90
C GLN A 307 -32.80 20.88 2.48
N GLU A 308 -32.43 19.77 1.87
CA GLU A 308 -32.69 18.47 2.48
C GLU A 308 -31.71 18.26 3.62
N GLU A 309 -32.18 17.55 4.65
CA GLU A 309 -31.43 17.53 5.91
C GLU A 309 -31.55 16.17 6.58
N ALA A 310 -30.42 15.66 7.05
CA ALA A 310 -30.39 14.44 7.85
C ALA A 310 -30.00 14.78 9.27
N GLN A 311 -30.66 14.12 10.23
CA GLN A 311 -30.35 14.30 11.65
C GLN A 311 -30.23 12.92 12.27
N GLU A 312 -29.04 12.62 12.78
CA GLU A 312 -28.69 11.35 13.41
C GLU A 312 -28.26 11.61 14.84
N GLU A 313 -28.49 10.64 15.70
CA GLU A 313 -27.95 10.69 17.06
C GLU A 313 -27.26 9.39 17.42
N ILE A 314 -26.24 9.50 18.27
CA ILE A 314 -25.54 8.34 18.79
C ILE A 314 -25.03 8.67 20.19
N GLU A 315 -25.18 7.72 21.09
CA GLU A 315 -24.60 7.85 22.42
C GLU A 315 -23.09 7.84 22.36
N ALA A 316 -22.46 8.47 23.35
CA ALA A 316 -21.01 8.51 23.46
C ALA A 316 -20.66 8.72 24.92
N ASP A 317 -19.47 8.26 25.30
CA ASP A 317 -18.92 8.55 26.63
C ASP A 317 -18.16 9.85 26.52
N THR A 318 -18.73 10.93 27.05
CA THR A 318 -18.09 12.24 26.98
C THR A 318 -18.77 13.18 27.97
N THR A 319 -17.98 14.06 28.57
CA THR A 319 -18.51 15.16 29.37
C THR A 319 -18.46 16.49 28.63
N VAL A 320 -18.10 16.48 27.35
CA VAL A 320 -17.92 17.70 26.57
C VAL A 320 -19.27 18.34 26.30
N SER A 321 -19.34 19.67 26.42
CA SER A 321 -20.53 20.42 26.05
C SER A 321 -20.14 21.63 25.22
N ASP A 322 -21.14 22.20 24.54
CA ASP A 322 -21.01 23.47 23.82
C ASP A 322 -19.93 23.39 22.73
N LEU A 323 -20.00 22.34 21.91
CA LEU A 323 -19.01 22.14 20.86
C LEU A 323 -19.68 21.54 19.63
N ALA A 324 -19.67 22.29 18.53
CA ALA A 324 -20.18 21.83 17.25
C ALA A 324 -19.08 22.04 16.21
N ILE A 325 -18.73 20.98 15.49
CA ILE A 325 -17.61 21.05 14.55
C ILE A 325 -18.02 20.38 13.24
N GLY A 326 -17.60 20.96 12.12
CA GLY A 326 -17.82 20.37 10.80
C GLY A 326 -16.63 19.57 10.32
N PHE A 327 -16.91 18.48 9.60
CA PHE A 327 -15.89 17.65 8.98
C PHE A 327 -16.35 17.24 7.58
N ASN A 328 -15.37 17.00 6.71
CA ASN A 328 -15.64 16.25 5.50
C ASN A 328 -15.95 14.80 5.90
N VAL A 329 -17.16 14.32 5.56
CA VAL A 329 -17.55 13.02 6.08
C VAL A 329 -16.71 11.89 5.47
N ASN A 330 -16.24 12.05 4.24
CA ASN A 330 -15.38 11.04 3.63
C ASN A 330 -14.10 10.84 4.44
N TYR A 331 -13.48 11.93 4.90
CA TYR A 331 -12.21 11.79 5.61
C TYR A 331 -12.43 11.18 6.98
N LEU A 332 -13.53 11.53 7.64
CA LEU A 332 -13.81 10.95 8.95
C LEU A 332 -14.12 9.47 8.81
N LEU A 333 -14.90 9.10 7.80
CA LEU A 333 -15.18 7.69 7.54
C LEU A 333 -13.90 6.93 7.24
N ASP A 334 -13.02 7.49 6.39
CA ASP A 334 -11.74 6.83 6.10
C ASP A 334 -10.95 6.55 7.37
N ALA A 335 -10.88 7.55 8.26
CA ALA A 335 -10.18 7.36 9.54
C ALA A 335 -10.80 6.22 10.34
N LEU A 336 -12.12 6.23 10.50
CA LEU A 336 -12.77 5.20 11.31
C LEU A 336 -12.62 3.82 10.68
N SER A 337 -12.67 3.74 9.35
CA SER A 337 -12.50 2.45 8.68
C SER A 337 -11.11 1.89 8.87
N ALA A 338 -10.13 2.75 9.12
CA ALA A 338 -8.76 2.31 9.31
C ALA A 338 -8.44 1.99 10.76
N LEU A 339 -9.28 2.40 11.69
CA LEU A 339 -9.15 1.97 13.08
C LEU A 339 -9.85 0.63 13.27
N ARG A 340 -9.47 -0.08 14.32
CA ARG A 340 -9.94 -1.46 14.51
C ARG A 340 -10.62 -1.73 15.85
N ASP A 341 -10.44 -0.89 16.88
CA ASP A 341 -11.07 -1.17 18.16
C ASP A 341 -12.59 -1.05 18.04
N GLU A 342 -13.29 -1.73 18.95
CA GLU A 342 -14.74 -1.58 19.04
C GLU A 342 -15.12 -0.14 19.38
N GLU A 343 -14.31 0.55 20.18
CA GLU A 343 -14.50 1.94 20.55
C GLU A 343 -13.28 2.75 20.16
N VAL A 344 -13.52 3.95 19.64
CA VAL A 344 -12.44 4.87 19.31
C VAL A 344 -12.61 6.12 20.16
N ILE A 345 -11.54 6.91 20.21
CA ILE A 345 -11.55 8.18 20.93
C ILE A 345 -11.34 9.29 19.91
N ILE A 346 -12.14 10.33 20.03
CA ILE A 346 -11.96 11.56 19.25
C ILE A 346 -11.53 12.65 20.22
N GLN A 347 -10.39 13.26 19.94
CA GLN A 347 -9.87 14.35 20.75
C GLN A 347 -10.12 15.67 20.04
N LEU A 348 -10.68 16.63 20.77
CA LEU A 348 -11.07 17.92 20.20
C LEU A 348 -10.52 19.04 21.06
N ARG A 349 -10.46 20.23 20.46
CA ARG A 349 -10.27 21.46 21.20
C ARG A 349 -11.43 22.42 21.04
N ASP A 350 -11.84 22.69 19.80
CA ASP A 350 -12.91 23.65 19.52
C ASP A 350 -13.36 23.47 18.08
N SER A 351 -14.30 24.32 17.67
CA SER A 351 -14.93 24.22 16.36
C SER A 351 -14.00 24.61 15.21
N ASN A 352 -12.90 25.31 15.49
CA ASN A 352 -12.01 25.83 14.47
C ASN A 352 -10.68 25.07 14.43
N SER A 353 -10.60 23.91 15.04
CA SER A 353 -9.35 23.18 15.16
C SER A 353 -9.56 21.74 14.75
N SER A 354 -8.49 21.14 14.26
CA SER A 354 -8.54 19.76 13.78
C SER A 354 -8.86 18.79 14.91
N ALA A 355 -9.45 17.66 14.53
CA ALA A 355 -9.71 16.57 15.45
C ALA A 355 -8.65 15.49 15.31
N LEU A 356 -8.38 14.81 16.42
CA LEU A 356 -7.48 13.68 16.44
C LEU A 356 -8.30 12.44 16.77
N VAL A 357 -8.31 11.46 15.86
CA VAL A 357 -9.08 10.23 16.04
C VAL A 357 -8.10 9.07 16.21
N ARG A 358 -8.36 8.20 17.20
CA ARG A 358 -7.44 7.13 17.55
C ARG A 358 -8.21 5.97 18.18
N GLU A 359 -7.52 4.83 18.33
CA GLU A 359 -8.07 3.72 19.10
C GLU A 359 -8.28 4.14 20.55
N SER A 360 -9.29 3.54 21.19
CA SER A 360 -9.47 3.81 22.61
C SER A 360 -8.38 3.14 23.44
N SER A 361 -7.74 2.11 22.91
CA SER A 361 -6.79 1.31 23.66
C SER A 361 -5.34 1.74 23.48
N SER A 362 -5.06 2.75 22.65
CA SER A 362 -3.67 3.07 22.32
C SER A 362 -3.61 4.43 21.63
N GLU A 363 -2.43 5.04 21.67
CA GLU A 363 -2.14 6.26 20.90
C GLU A 363 -1.21 5.99 19.72
N LYS A 364 -0.93 4.71 19.41
CA LYS A 364 0.03 4.39 18.37
C LYS A 364 -0.48 4.80 16.99
N SER A 365 -1.79 4.64 16.73
CA SER A 365 -2.40 5.02 15.47
C SER A 365 -3.18 6.31 15.64
N ARG A 366 -2.91 7.30 14.80
CA ARG A 366 -3.54 8.61 14.96
C ARG A 366 -3.96 9.19 13.62
N HIS A 367 -5.15 9.79 13.62
CA HIS A 367 -5.73 10.41 12.42
C HIS A 367 -6.03 11.86 12.71
N VAL A 368 -5.59 12.76 11.82
CA VAL A 368 -5.93 14.18 11.95
C VAL A 368 -6.93 14.50 10.85
N VAL A 369 -8.10 14.97 11.26
CA VAL A 369 -9.15 15.39 10.35
C VAL A 369 -9.38 16.87 10.58
N MET A 370 -9.25 17.64 9.54
CA MET A 370 -9.31 19.09 9.61
C MET A 370 -10.76 19.57 9.75
N PRO A 371 -10.97 20.73 10.38
CA PRO A 371 -12.33 21.26 10.46
C PRO A 371 -12.76 21.80 9.11
N LEU A 372 -14.07 21.78 8.90
CA LEU A 372 -14.71 22.33 7.72
C LEU A 372 -15.70 23.38 8.23
N ARG A 373 -15.79 24.52 7.53
CA ARG A 373 -16.53 25.64 8.10
C ARG A 373 -18.03 25.43 8.02
N LEU A 374 -18.73 25.77 9.11
CA LEU A 374 -20.16 25.56 9.24
C LEU A 374 -20.95 26.82 8.85
#